data_3VJT
#
_entry.id   3VJT
#
_cell.length_a   154.855
_cell.length_b   42.319
_cell.length_c   42.176
_cell.angle_alpha   90.00
_cell.angle_beta   95.59
_cell.angle_gamma   90.00
#
_symmetry.space_group_name_H-M   'C 1 2 1'
#
loop_
_entity.id
_entity.type
_entity.pdbx_description
1 polymer 'Vitamin D3 receptor'
2 polymer 'peptide from Mediator of RNA polymerase II transcription subunit 1'
3 non-polymer 1-(2-[(R)-2,4-Dihydroxybutoxy]ethyl)-12-(5-ethyl-5-hydroxyheptyl)-1,12-dicarba-closo-dodecaborane
4 water water
#
loop_
_entity_poly.entity_id
_entity_poly.type
_entity_poly.pdbx_seq_one_letter_code
_entity_poly.pdbx_strand_id
1 'polypeptide(L)'
;GSHMGSPNSPLKDSLRPKLSEEQQHIIAILLDAHHKTYDPTYADFRDFRPPVRMDGSTGSVTLDLSPLSMLPHLADLVSY
SIQKVIGFAKMIPGFRDLTSDDQIVLLKSSAIEVIMLRSNQSFTMDDMSWDCGSQDYKYDVTDVSKAGHTLELIEPLIKF
QVGLKKLNLHEEEHVLLMAICIVSPDRPGVQDAKLVEAIQDRLSNTLQTYIRCRHPPPGSHQLYAKMIQKLADLRSLNEE
HSKQYRSLSFQPENSMKLTPLVLEVFGNEIS
;
A
2 'polypeptide(L)' KNHPMLMNLLKDN C
#
loop_
_chem_comp.id
_chem_comp.type
_chem_comp.name
_chem_comp.formula
10R non-polymer 1-(2-[(R)-2,4-Dihydroxybutoxy]ethyl)-12-(5-ethyl-5-hydroxyheptyl)-1,12-dicarba-closo-dodecaborane 'C17 H42 B10 O4'
#
# COMPACT_ATOMS: atom_id res chain seq x y z
N LYS A 18 6.48 -25.15 13.95
CA LYS A 18 5.55 -24.98 12.80
C LYS A 18 4.64 -23.79 13.08
N LEU A 19 3.57 -23.66 12.30
CA LEU A 19 2.62 -22.57 12.47
C LEU A 19 1.78 -22.78 13.73
N SER A 20 2.09 -22.02 14.77
CA SER A 20 1.34 -22.13 16.02
C SER A 20 -0.10 -21.71 15.77
N GLU A 21 -0.96 -21.89 16.77
CA GLU A 21 -2.36 -21.52 16.66
C GLU A 21 -2.48 -20.02 16.43
N GLU A 22 -1.70 -19.26 17.18
CA GLU A 22 -1.71 -17.81 17.05
C GLU A 22 -1.37 -17.38 15.63
N GLN A 23 -0.28 -17.93 15.10
CA GLN A 23 0.15 -17.60 13.75
C GLN A 23 -0.92 -17.93 12.72
N GLN A 24 -1.59 -19.06 12.91
CA GLN A 24 -2.64 -19.46 11.99
C GLN A 24 -3.81 -18.48 12.12
N HIS A 25 -4.01 -17.98 13.33
CA HIS A 25 -5.06 -17.02 13.61
C HIS A 25 -4.70 -15.70 12.92
N ILE A 26 -3.43 -15.31 13.06
CA ILE A 26 -2.94 -14.09 12.46
C ILE A 26 -3.21 -14.06 10.96
N ILE A 27 -2.90 -15.17 10.29
CA ILE A 27 -3.13 -15.25 8.85
C ILE A 27 -4.60 -15.12 8.50
N ALA A 28 -5.46 -15.85 9.19
CA ALA A 28 -6.90 -15.81 8.94
C ALA A 28 -7.47 -14.39 9.11
N ILE A 29 -7.05 -13.71 10.18
CA ILE A 29 -7.52 -12.35 10.44
C ILE A 29 -7.08 -11.40 9.31
N LEU A 30 -5.82 -11.49 8.89
CA LEU A 30 -5.30 -10.63 7.84
C LEU A 30 -6.00 -10.91 6.51
N LEU A 31 -6.20 -12.19 6.21
CA LEU A 31 -6.87 -12.56 4.96
C LEU A 31 -8.27 -11.95 4.93
N ASP A 32 -8.99 -12.06 6.04
CA ASP A 32 -10.34 -11.52 6.11
C ASP A 32 -10.33 -10.00 6.03
N ALA A 33 -9.38 -9.39 6.72
CA ALA A 33 -9.24 -7.93 6.72
C ALA A 33 -9.02 -7.45 5.29
N HIS A 34 -8.18 -8.16 4.54
CA HIS A 34 -7.92 -7.78 3.16
C HIS A 34 -9.20 -7.93 2.34
N HIS A 35 -9.85 -9.08 2.46
CA HIS A 35 -11.09 -9.34 1.73
C HIS A 35 -12.16 -8.29 2.01
N LYS A 36 -12.13 -7.69 3.20
CA LYS A 36 -13.12 -6.68 3.54
C LYS A 36 -12.73 -5.27 3.06
N THR A 37 -11.49 -5.12 2.59
CA THR A 37 -11.00 -3.82 2.13
C THR A 37 -10.52 -3.76 0.70
N TYR A 38 -10.55 -4.89 0.00
CA TYR A 38 -10.15 -4.90 -1.39
C TYR A 38 -11.29 -5.52 -2.22
N ASP A 39 -11.96 -4.68 -3.01
CA ASP A 39 -13.07 -5.13 -3.84
C ASP A 39 -12.57 -5.41 -5.26
N PRO A 40 -12.32 -6.70 -5.56
CA PRO A 40 -11.83 -7.16 -6.88
C PRO A 40 -12.79 -6.92 -8.04
N THR A 41 -13.95 -6.33 -7.75
CA THR A 41 -14.91 -6.02 -8.81
C THR A 41 -14.77 -4.54 -9.14
N TYR A 42 -14.02 -3.83 -8.31
CA TYR A 42 -13.74 -2.40 -8.50
C TYR A 42 -14.97 -1.52 -8.76
N ALA A 43 -16.10 -1.90 -8.19
CA ALA A 43 -17.35 -1.17 -8.39
C ALA A 43 -17.37 0.31 -7.98
N ASP A 44 -16.59 0.68 -6.98
CA ASP A 44 -16.60 2.07 -6.50
C ASP A 44 -15.89 3.08 -7.40
N PHE A 45 -15.10 2.59 -8.35
CA PHE A 45 -14.37 3.49 -9.24
C PHE A 45 -15.31 4.43 -9.99
N ARG A 46 -16.59 4.06 -10.05
CA ARG A 46 -17.57 4.86 -10.76
C ARG A 46 -17.96 6.12 -9.99
N ASP A 47 -17.62 6.17 -8.70
CA ASP A 47 -17.95 7.33 -7.87
C ASP A 47 -16.89 8.40 -7.97
N PHE A 48 -15.73 8.02 -8.51
CA PHE A 48 -14.59 8.93 -8.66
C PHE A 48 -14.82 9.92 -9.79
N ARG A 49 -14.14 11.06 -9.72
CA ARG A 49 -14.26 12.01 -10.82
C ARG A 49 -13.78 11.24 -12.04
N PRO A 50 -14.49 11.35 -13.17
CA PRO A 50 -14.16 10.67 -14.41
C PRO A 50 -12.75 10.84 -14.95
N PRO A 51 -12.12 9.74 -15.38
CA PRO A 51 -10.75 9.81 -15.90
C PRO A 51 -10.77 10.47 -17.28
N VAL A 52 -9.77 11.30 -17.57
CA VAL A 52 -9.69 11.97 -18.86
C VAL A 52 -8.39 11.61 -19.56
N ARG A 53 -8.49 10.84 -20.64
CA ARG A 53 -7.32 10.43 -21.40
C ARG A 53 -7.26 11.13 -22.76
N PRO A 67 -2.71 18.12 -19.81
CA PRO A 67 -2.20 18.94 -18.72
C PRO A 67 -2.70 18.44 -17.36
N LEU A 68 -2.32 17.20 -17.03
CA LEU A 68 -2.72 16.55 -15.78
C LEU A 68 -4.20 16.26 -15.79
N SER A 69 -4.67 15.70 -16.91
CA SER A 69 -6.06 15.34 -17.08
C SER A 69 -6.48 14.14 -16.25
N MET A 70 -5.51 13.37 -15.76
CA MET A 70 -5.82 12.19 -14.95
C MET A 70 -5.71 12.48 -13.45
N LEU A 71 -5.33 13.69 -13.10
CA LEU A 71 -5.17 14.05 -11.69
C LEU A 71 -6.45 13.98 -10.87
N PRO A 72 -7.56 14.55 -11.37
CA PRO A 72 -8.78 14.46 -10.56
C PRO A 72 -9.15 12.98 -10.28
N HIS A 73 -9.11 12.17 -11.33
CA HIS A 73 -9.45 10.76 -11.20
C HIS A 73 -8.52 9.97 -10.28
N LEU A 74 -7.21 10.07 -10.50
CA LEU A 74 -6.29 9.33 -9.68
C LEU A 74 -6.26 9.87 -8.24
N ALA A 75 -6.53 11.16 -8.08
CA ALA A 75 -6.55 11.76 -6.75
C ALA A 75 -7.66 11.11 -5.93
N ASP A 76 -8.80 10.91 -6.57
CA ASP A 76 -9.95 10.27 -5.93
C ASP A 76 -9.66 8.79 -5.67
N LEU A 77 -9.04 8.13 -6.65
CA LEU A 77 -8.69 6.71 -6.50
C LEU A 77 -7.72 6.53 -5.32
N VAL A 78 -6.69 7.35 -5.28
CA VAL A 78 -5.72 7.30 -4.20
C VAL A 78 -6.43 7.56 -2.86
N SER A 79 -7.30 8.57 -2.85
CA SER A 79 -8.03 8.94 -1.65
C SER A 79 -8.83 7.76 -1.13
N TYR A 80 -9.52 7.10 -2.05
CA TYR A 80 -10.32 5.91 -1.78
C TYR A 80 -9.43 4.81 -1.21
N SER A 81 -8.27 4.64 -1.82
CA SER A 81 -7.30 3.62 -1.42
C SER A 81 -6.74 3.86 -0.04
N ILE A 82 -6.55 5.12 0.31
CA ILE A 82 -6.04 5.44 1.63
C ILE A 82 -7.06 4.95 2.66
N GLN A 83 -8.34 5.22 2.40
CA GLN A 83 -9.39 4.78 3.32
C GLN A 83 -9.37 3.27 3.50
N LYS A 84 -9.14 2.53 2.40
CA LYS A 84 -9.11 1.08 2.46
C LYS A 84 -7.89 0.56 3.21
N VAL A 85 -6.76 1.21 3.00
CA VAL A 85 -5.54 0.80 3.69
C VAL A 85 -5.68 1.02 5.20
N ILE A 86 -6.38 2.08 5.60
CA ILE A 86 -6.61 2.36 7.02
C ILE A 86 -7.50 1.26 7.60
N GLY A 87 -8.55 0.91 6.86
CA GLY A 87 -9.45 -0.15 7.31
C GLY A 87 -8.70 -1.45 7.53
N PHE A 88 -7.69 -1.70 6.71
CA PHE A 88 -6.88 -2.91 6.82
C PHE A 88 -5.97 -2.82 8.04
N ALA A 89 -5.27 -1.70 8.17
CA ALA A 89 -4.37 -1.50 9.28
C ALA A 89 -5.02 -1.70 10.65
N LYS A 90 -6.24 -1.18 10.83
CA LYS A 90 -6.92 -1.30 12.10
C LYS A 90 -7.20 -2.74 12.50
N MET A 91 -7.19 -3.63 11.51
CA MET A 91 -7.43 -5.04 11.78
C MET A 91 -6.14 -5.83 12.02
N ILE A 92 -4.99 -5.20 11.85
CA ILE A 92 -3.70 -5.86 12.08
C ILE A 92 -3.59 -6.15 13.58
N PRO A 93 -3.58 -7.44 13.97
CA PRO A 93 -3.46 -7.77 15.39
C PRO A 93 -2.34 -7.02 16.09
N GLY A 94 -2.69 -6.19 17.06
CA GLY A 94 -1.70 -5.43 17.79
C GLY A 94 -1.65 -3.95 17.43
N PHE A 95 -2.06 -3.61 16.20
CA PHE A 95 -2.03 -2.23 15.72
C PHE A 95 -2.84 -1.29 16.62
N ARG A 96 -4.02 -1.75 17.03
CA ARG A 96 -4.91 -0.96 17.87
C ARG A 96 -4.31 -0.70 19.26
N ASP A 97 -3.36 -1.53 19.68
CA ASP A 97 -2.72 -1.36 20.98
C ASP A 97 -1.80 -0.15 20.98
N LEU A 98 -1.34 0.24 19.80
CA LEU A 98 -0.46 1.40 19.68
C LEU A 98 -1.24 2.64 20.06
N THR A 99 -0.54 3.75 20.25
CA THR A 99 -1.19 5.00 20.60
C THR A 99 -1.79 5.61 19.33
N SER A 100 -2.54 6.68 19.51
CA SER A 100 -3.17 7.38 18.41
C SER A 100 -2.12 7.99 17.48
N ASP A 101 -1.12 8.63 18.07
CA ASP A 101 -0.05 9.27 17.32
C ASP A 101 0.82 8.31 16.52
N ASP A 102 1.13 7.16 17.12
CA ASP A 102 1.95 6.17 16.42
C ASP A 102 1.15 5.53 15.28
N GLN A 103 -0.15 5.30 15.50
CA GLN A 103 -0.99 4.74 14.45
C GLN A 103 -1.01 5.70 13.26
N ILE A 104 -1.07 6.99 13.58
CA ILE A 104 -1.11 8.03 12.56
C ILE A 104 0.21 8.12 11.80
N VAL A 105 1.31 8.06 12.53
CA VAL A 105 2.62 8.12 11.92
C VAL A 105 2.84 6.94 10.95
N LEU A 106 2.44 5.75 11.38
CA LEU A 106 2.62 4.56 10.55
C LEU A 106 1.81 4.63 9.26
N LEU A 107 0.58 5.10 9.36
CA LEU A 107 -0.30 5.21 8.20
C LEU A 107 0.14 6.25 7.19
N LYS A 108 0.55 7.43 7.66
CA LYS A 108 0.96 8.48 6.74
C LYS A 108 2.24 8.12 5.99
N SER A 109 3.12 7.38 6.64
CA SER A 109 4.38 6.99 6.02
C SER A 109 4.27 5.76 5.14
N SER A 110 3.36 4.85 5.49
CA SER A 110 3.21 3.62 4.69
C SER A 110 2.10 3.69 3.64
N ALA A 111 1.16 4.60 3.80
CA ALA A 111 0.04 4.72 2.87
C ALA A 111 0.38 4.48 1.39
N ILE A 112 1.26 5.30 0.82
CA ILE A 112 1.63 5.16 -0.59
C ILE A 112 2.30 3.81 -0.91
N GLU A 113 3.04 3.28 0.04
CA GLU A 113 3.71 2.00 -0.13
C GLU A 113 2.71 0.85 -0.18
N VAL A 114 1.71 0.87 0.69
CA VAL A 114 0.72 -0.21 0.71
C VAL A 114 -0.19 -0.11 -0.52
N ILE A 115 -0.45 1.11 -0.98
CA ILE A 115 -1.28 1.27 -2.16
C ILE A 115 -0.54 0.67 -3.37
N MET A 116 0.77 0.91 -3.44
CA MET A 116 1.59 0.37 -4.54
C MET A 116 1.60 -1.14 -4.44
N LEU A 117 1.83 -1.62 -3.22
CA LEU A 117 1.87 -3.04 -2.94
C LEU A 117 0.53 -3.74 -3.23
N ARG A 118 -0.58 -3.14 -2.76
CA ARG A 118 -1.90 -3.77 -2.97
C ARG A 118 -2.35 -3.68 -4.43
N SER A 119 -1.80 -2.72 -5.17
CA SER A 119 -2.17 -2.55 -6.58
C SER A 119 -1.63 -3.69 -7.44
N ASN A 120 -0.60 -4.39 -6.95
CA ASN A 120 0.00 -5.50 -7.67
C ASN A 120 -1.08 -6.53 -8.02
N GLN A 121 -2.13 -6.58 -7.23
CA GLN A 121 -3.22 -7.52 -7.46
C GLN A 121 -3.92 -7.29 -8.79
N SER A 122 -3.91 -6.05 -9.27
CA SER A 122 -4.56 -5.72 -10.54
C SER A 122 -3.55 -5.49 -11.66
N PHE A 123 -2.27 -5.55 -11.34
CA PHE A 123 -1.22 -5.34 -12.33
C PHE A 123 -1.07 -6.57 -13.21
N THR A 124 -0.84 -6.35 -14.50
CA THR A 124 -0.67 -7.45 -15.44
C THR A 124 0.61 -7.30 -16.25
N MET A 125 1.41 -8.36 -16.28
CA MET A 125 2.66 -8.33 -17.03
C MET A 125 2.41 -8.51 -18.53
N ASP A 126 1.15 -8.68 -18.91
CA ASP A 126 0.78 -8.84 -20.31
C ASP A 126 1.14 -7.55 -21.05
N ASP A 127 0.79 -6.42 -20.45
CA ASP A 127 1.10 -5.14 -21.06
C ASP A 127 1.63 -4.13 -20.06
N MET A 128 2.05 -4.62 -18.90
CA MET A 128 2.60 -3.73 -17.86
C MET A 128 1.59 -2.67 -17.44
N SER A 129 0.34 -3.05 -17.25
CA SER A 129 -0.68 -2.09 -16.85
C SER A 129 -1.47 -2.63 -15.67
N TRP A 130 -2.33 -1.77 -15.12
CA TRP A 130 -3.16 -2.16 -13.99
C TRP A 130 -4.58 -2.31 -14.50
N ASP A 131 -5.09 -3.53 -14.48
CA ASP A 131 -6.43 -3.76 -14.99
C ASP A 131 -7.49 -3.80 -13.89
N CYS A 132 -8.20 -2.68 -13.73
CA CYS A 132 -9.24 -2.59 -12.71
C CYS A 132 -10.66 -2.71 -13.26
N GLY A 133 -10.92 -3.82 -13.95
CA GLY A 133 -12.25 -4.05 -14.51
C GLY A 133 -12.37 -3.64 -15.97
N SER A 134 -12.88 -2.43 -16.20
CA SER A 134 -13.07 -1.92 -17.56
C SER A 134 -11.89 -1.11 -18.10
N GLN A 135 -11.97 -0.78 -19.38
CA GLN A 135 -10.94 -0.02 -20.07
C GLN A 135 -10.80 1.40 -19.52
N ASP A 136 -11.89 1.94 -18.98
CA ASP A 136 -11.85 3.30 -18.41
C ASP A 136 -11.04 3.27 -17.13
N TYR A 137 -11.06 2.12 -16.46
CA TYR A 137 -10.35 1.96 -15.20
C TYR A 137 -9.15 1.03 -15.36
N LYS A 138 -8.56 1.06 -16.55
CA LYS A 138 -7.37 0.27 -16.82
C LYS A 138 -6.31 1.34 -16.91
N TYR A 139 -5.32 1.28 -16.04
CA TYR A 139 -4.30 2.33 -16.03
C TYR A 139 -2.91 1.88 -16.50
N ASP A 140 -2.21 2.80 -17.16
CA ASP A 140 -0.87 2.54 -17.65
C ASP A 140 0.08 3.69 -17.35
N VAL A 141 1.32 3.54 -17.81
CA VAL A 141 2.36 4.54 -17.60
C VAL A 141 1.94 5.94 -18.04
N THR A 142 1.14 6.00 -19.11
CA THR A 142 0.69 7.28 -19.61
C THR A 142 -0.29 7.91 -18.64
N ASP A 143 -1.17 7.10 -18.08
CA ASP A 143 -2.16 7.61 -17.13
C ASP A 143 -1.46 8.20 -15.90
N VAL A 144 -0.44 7.51 -15.42
CA VAL A 144 0.27 7.98 -14.24
C VAL A 144 1.03 9.26 -14.57
N SER A 145 1.61 9.34 -15.77
CA SER A 145 2.32 10.55 -16.16
C SER A 145 1.33 11.70 -16.29
N LYS A 146 0.11 11.38 -16.72
CA LYS A 146 -0.93 12.38 -16.87
C LYS A 146 -1.50 12.80 -15.52
N ALA A 147 -0.86 12.33 -14.45
CA ALA A 147 -1.28 12.68 -13.10
C ALA A 147 -0.22 13.63 -12.57
N GLY A 148 0.82 13.85 -13.39
CA GLY A 148 1.89 14.75 -13.01
C GLY A 148 3.19 14.09 -12.59
N HIS A 149 3.28 12.77 -12.71
CA HIS A 149 4.50 12.07 -12.32
C HIS A 149 5.39 11.74 -13.51
N THR A 150 6.70 11.67 -13.25
CA THR A 150 7.69 11.39 -14.29
C THR A 150 8.23 9.97 -14.22
N LEU A 151 9.02 9.60 -15.22
CA LEU A 151 9.60 8.26 -15.32
C LEU A 151 10.53 7.96 -14.13
N GLU A 152 11.05 9.00 -13.50
CA GLU A 152 11.93 8.81 -12.36
C GLU A 152 11.24 7.98 -11.27
N LEU A 153 9.90 8.00 -11.29
CA LEU A 153 9.12 7.24 -10.32
C LEU A 153 8.45 6.06 -11.01
N ILE A 154 7.84 6.35 -12.15
CA ILE A 154 7.11 5.35 -12.91
C ILE A 154 7.94 4.15 -13.36
N GLU A 155 9.16 4.40 -13.85
CA GLU A 155 10.02 3.32 -14.30
C GLU A 155 10.27 2.35 -13.15
N PRO A 156 10.79 2.85 -12.02
CA PRO A 156 11.03 1.89 -10.91
C PRO A 156 9.73 1.31 -10.34
N LEU A 157 8.60 2.00 -10.52
CA LEU A 157 7.33 1.50 -10.02
C LEU A 157 6.96 0.25 -10.81
N ILE A 158 7.07 0.31 -12.13
CA ILE A 158 6.76 -0.83 -12.99
C ILE A 158 7.71 -1.98 -12.67
N LYS A 159 8.99 -1.67 -12.57
CA LYS A 159 10.01 -2.67 -12.27
C LYS A 159 9.63 -3.37 -10.95
N PHE A 160 9.18 -2.59 -9.98
CA PHE A 160 8.75 -3.13 -8.69
C PHE A 160 7.59 -4.09 -8.92
N GLN A 161 6.54 -3.58 -9.57
CA GLN A 161 5.36 -4.40 -9.85
C GLN A 161 5.76 -5.70 -10.51
N VAL A 162 6.67 -5.62 -11.48
CA VAL A 162 7.12 -6.81 -12.19
C VAL A 162 7.82 -7.80 -11.27
N GLY A 163 8.74 -7.32 -10.45
CA GLY A 163 9.46 -8.20 -9.55
C GLY A 163 8.58 -8.81 -8.47
N LEU A 164 7.59 -8.05 -8.01
CA LEU A 164 6.69 -8.55 -6.98
C LEU A 164 5.82 -9.64 -7.61
N LYS A 165 5.33 -9.37 -8.81
CA LYS A 165 4.49 -10.33 -9.50
C LYS A 165 5.25 -11.65 -9.72
N LYS A 166 6.49 -11.54 -10.17
CA LYS A 166 7.35 -12.70 -10.42
C LYS A 166 7.45 -13.58 -9.18
N LEU A 167 7.23 -13.01 -8.01
CA LEU A 167 7.32 -13.80 -6.79
C LEU A 167 6.13 -14.74 -6.61
N ASN A 168 5.04 -14.48 -7.32
CA ASN A 168 3.84 -15.31 -7.21
C ASN A 168 3.56 -15.65 -5.75
N LEU A 169 3.33 -14.63 -4.94
CA LEU A 169 3.07 -14.85 -3.53
C LEU A 169 1.71 -15.48 -3.30
N HIS A 170 1.61 -16.26 -2.22
CA HIS A 170 0.32 -16.84 -1.87
C HIS A 170 -0.41 -15.61 -1.33
N GLU A 171 -1.73 -15.60 -1.34
CA GLU A 171 -2.44 -14.44 -0.83
C GLU A 171 -2.06 -14.21 0.64
N GLU A 172 -1.74 -15.29 1.35
CA GLU A 172 -1.33 -15.22 2.76
C GLU A 172 -0.04 -14.41 2.91
N GLU A 173 0.87 -14.62 1.97
CA GLU A 173 2.13 -13.90 2.00
C GLU A 173 1.92 -12.44 1.66
N HIS A 174 0.99 -12.19 0.76
CA HIS A 174 0.65 -10.84 0.33
C HIS A 174 0.07 -9.99 1.48
N VAL A 175 -0.89 -10.54 2.23
CA VAL A 175 -1.47 -9.76 3.32
C VAL A 175 -0.48 -9.56 4.47
N LEU A 176 0.38 -10.55 4.69
CA LEU A 176 1.40 -10.45 5.74
C LEU A 176 2.43 -9.36 5.36
N LEU A 177 2.78 -9.29 4.09
CA LEU A 177 3.75 -8.29 3.65
C LEU A 177 3.18 -6.89 3.85
N MET A 178 1.89 -6.71 3.53
CA MET A 178 1.27 -5.39 3.70
C MET A 178 1.22 -4.98 5.17
N ALA A 179 0.89 -5.93 6.03
CA ALA A 179 0.82 -5.66 7.47
C ALA A 179 2.19 -5.30 8.03
N ILE A 180 3.22 -6.03 7.60
CA ILE A 180 4.61 -5.79 8.03
C ILE A 180 5.09 -4.42 7.56
N CYS A 181 4.67 -4.04 6.36
CA CYS A 181 5.04 -2.75 5.79
C CYS A 181 4.46 -1.61 6.64
N ILE A 182 3.23 -1.79 7.09
CA ILE A 182 2.55 -0.77 7.89
C ILE A 182 3.15 -0.63 9.30
N VAL A 183 3.48 -1.76 9.92
CA VAL A 183 4.05 -1.73 11.28
C VAL A 183 5.56 -1.81 11.24
N SER A 184 6.19 -0.74 10.76
CA SER A 184 7.65 -0.65 10.67
C SER A 184 8.16 0.33 11.74
N PRO A 185 9.06 -0.16 12.63
CA PRO A 185 9.64 0.63 13.72
C PRO A 185 10.53 1.82 13.34
N ASP A 186 11.12 1.79 12.14
CA ASP A 186 11.99 2.87 11.72
C ASP A 186 11.30 4.04 11.07
N ARG A 187 9.97 4.02 11.03
CA ARG A 187 9.25 5.13 10.42
C ARG A 187 9.56 6.37 11.26
N PRO A 188 9.90 7.48 10.60
CA PRO A 188 10.20 8.70 11.34
C PRO A 188 8.99 9.16 12.15
N GLY A 189 9.26 9.75 13.31
CA GLY A 189 8.18 10.23 14.16
C GLY A 189 7.64 9.19 15.10
N VAL A 190 8.05 7.94 14.94
CA VAL A 190 7.55 6.88 15.81
C VAL A 190 8.06 7.08 17.24
N GLN A 191 7.22 6.79 18.21
CA GLN A 191 7.57 6.94 19.61
C GLN A 191 7.87 5.59 20.23
N ASP A 192 6.84 4.77 20.38
CA ASP A 192 7.00 3.45 20.97
C ASP A 192 7.53 2.42 19.97
N ALA A 193 8.71 2.71 19.41
CA ALA A 193 9.34 1.84 18.44
C ALA A 193 9.46 0.40 18.96
N LYS A 194 9.73 0.27 20.26
CA LYS A 194 9.87 -1.04 20.88
C LYS A 194 8.59 -1.84 20.66
N LEU A 195 7.45 -1.24 20.98
CA LEU A 195 6.15 -1.89 20.82
C LEU A 195 5.86 -2.16 19.34
N VAL A 196 6.19 -1.19 18.49
CA VAL A 196 5.97 -1.33 17.05
C VAL A 196 6.78 -2.51 16.53
N GLU A 197 8.03 -2.60 17.00
CA GLU A 197 8.92 -3.68 16.59
C GLU A 197 8.42 -5.05 17.03
N ALA A 198 7.85 -5.12 18.24
CA ALA A 198 7.33 -6.38 18.75
C ALA A 198 6.16 -6.86 17.90
N ILE A 199 5.29 -5.94 17.51
CA ILE A 199 4.15 -6.30 16.69
C ILE A 199 4.62 -6.80 15.31
N GLN A 200 5.59 -6.11 14.75
CA GLN A 200 6.11 -6.48 13.43
C GLN A 200 6.85 -7.81 13.47
N ASP A 201 7.60 -8.06 14.56
CA ASP A 201 8.34 -9.30 14.67
C ASP A 201 7.39 -10.48 14.72
N ARG A 202 6.26 -10.28 15.39
CA ARG A 202 5.27 -11.34 15.49
C ARG A 202 4.73 -11.64 14.10
N LEU A 203 4.67 -10.61 13.25
CA LEU A 203 4.19 -10.77 11.88
C LEU A 203 5.28 -11.40 11.02
N SER A 204 6.52 -10.96 11.23
CA SER A 204 7.67 -11.48 10.48
C SER A 204 7.80 -12.98 10.74
N ASN A 205 7.90 -13.35 12.01
CA ASN A 205 8.04 -14.76 12.36
C ASN A 205 6.88 -15.57 11.80
N THR A 206 5.72 -14.94 11.66
CA THR A 206 4.57 -15.62 11.11
C THR A 206 4.81 -15.86 9.62
N LEU A 207 5.32 -14.83 8.94
CA LEU A 207 5.59 -14.95 7.51
C LEU A 207 6.70 -15.99 7.26
N GLN A 208 7.79 -15.88 8.01
CA GLN A 208 8.92 -16.81 7.85
C GLN A 208 8.46 -18.25 8.05
N THR A 209 7.75 -18.49 9.14
CA THR A 209 7.26 -19.82 9.45
C THR A 209 6.29 -20.32 8.38
N TYR A 210 5.44 -19.44 7.88
CA TYR A 210 4.48 -19.83 6.84
C TYR A 210 5.17 -20.29 5.57
N ILE A 211 6.21 -19.57 5.18
CA ILE A 211 6.96 -19.90 3.98
C ILE A 211 7.54 -21.32 4.10
N ARG A 212 8.17 -21.61 5.23
CA ARG A 212 8.75 -22.92 5.45
C ARG A 212 7.70 -24.03 5.38
N CYS A 213 6.63 -23.87 6.15
CA CYS A 213 5.57 -24.87 6.22
C CYS A 213 4.58 -24.96 5.07
N ARG A 214 4.28 -23.84 4.41
CA ARG A 214 3.29 -23.90 3.35
C ARG A 214 3.75 -23.53 1.94
N HIS A 215 4.95 -22.98 1.79
CA HIS A 215 5.40 -22.61 0.45
C HIS A 215 6.43 -23.62 -0.06
N PRO A 216 6.00 -24.48 -1.01
CA PRO A 216 6.88 -25.49 -1.58
C PRO A 216 8.02 -24.92 -2.45
N PRO A 217 9.18 -25.59 -2.43
CA PRO A 217 10.32 -25.13 -3.22
C PRO A 217 10.03 -25.46 -4.69
N PRO A 218 10.74 -24.80 -5.63
CA PRO A 218 11.78 -23.78 -5.45
C PRO A 218 11.22 -22.36 -5.27
N GLY A 219 9.92 -22.20 -5.42
CA GLY A 219 9.31 -20.89 -5.26
C GLY A 219 9.58 -20.26 -3.89
N SER A 220 9.97 -21.08 -2.93
CA SER A 220 10.24 -20.59 -1.59
C SER A 220 11.69 -20.17 -1.41
N HIS A 221 12.53 -20.48 -2.38
CA HIS A 221 13.95 -20.14 -2.32
C HIS A 221 14.21 -18.65 -2.07
N GLN A 222 14.71 -18.35 -0.87
CA GLN A 222 15.00 -16.98 -0.46
C GLN A 222 13.78 -16.09 -0.62
N LEU A 223 12.60 -16.69 -0.54
CA LEU A 223 11.38 -15.91 -0.72
C LEU A 223 11.24 -14.81 0.33
N TYR A 224 11.56 -15.11 1.59
CA TYR A 224 11.45 -14.11 2.64
C TYR A 224 12.32 -12.90 2.32
N ALA A 225 13.60 -13.18 2.08
CA ALA A 225 14.59 -12.14 1.78
C ALA A 225 14.17 -11.30 0.58
N LYS A 226 13.57 -11.95 -0.42
CA LYS A 226 13.12 -11.23 -1.60
C LYS A 226 11.94 -10.34 -1.25
N MET A 227 11.11 -10.80 -0.32
CA MET A 227 9.96 -10.02 0.12
C MET A 227 10.41 -8.78 0.89
N ILE A 228 11.44 -8.94 1.71
CA ILE A 228 11.97 -7.82 2.47
C ILE A 228 12.65 -6.84 1.52
N GLN A 229 13.27 -7.35 0.46
CA GLN A 229 13.92 -6.47 -0.50
C GLN A 229 12.86 -5.58 -1.14
N LYS A 230 11.65 -6.10 -1.30
CA LYS A 230 10.58 -5.28 -1.88
C LYS A 230 10.19 -4.17 -0.90
N LEU A 231 10.34 -4.41 0.39
CA LEU A 231 10.03 -3.37 1.38
C LEU A 231 11.07 -2.25 1.25
N ALA A 232 12.31 -2.63 0.96
CA ALA A 232 13.38 -1.65 0.77
C ALA A 232 13.08 -0.91 -0.53
N ASP A 233 12.61 -1.65 -1.53
CA ASP A 233 12.28 -1.04 -2.81
C ASP A 233 11.18 0.01 -2.61
N LEU A 234 10.19 -0.33 -1.79
CA LEU A 234 9.09 0.58 -1.51
C LEU A 234 9.56 1.87 -0.82
N ARG A 235 10.55 1.74 0.08
CA ARG A 235 11.08 2.92 0.77
C ARG A 235 11.56 3.93 -0.27
N SER A 236 12.31 3.44 -1.25
CA SER A 236 12.82 4.27 -2.33
C SER A 236 11.70 4.91 -3.16
N LEU A 237 10.68 4.12 -3.48
CA LEU A 237 9.54 4.61 -4.25
C LEU A 237 8.78 5.65 -3.44
N ASN A 238 8.62 5.38 -2.15
CA ASN A 238 7.92 6.31 -1.25
C ASN A 238 8.64 7.65 -1.35
N GLU A 239 9.94 7.60 -1.12
CA GLU A 239 10.80 8.77 -1.16
C GLU A 239 10.63 9.58 -2.45
N GLU A 240 10.72 8.92 -3.60
CA GLU A 240 10.57 9.61 -4.86
C GLU A 240 9.15 10.16 -5.04
N HIS A 241 8.14 9.39 -4.64
CA HIS A 241 6.75 9.85 -4.73
C HIS A 241 6.56 11.14 -3.94
N SER A 242 7.04 11.14 -2.70
CA SER A 242 6.92 12.32 -1.85
C SER A 242 7.53 13.54 -2.53
N LYS A 243 8.73 13.39 -3.06
CA LYS A 243 9.41 14.47 -3.75
C LYS A 243 8.54 15.02 -4.88
N GLN A 244 8.07 14.14 -5.75
CA GLN A 244 7.23 14.60 -6.86
C GLN A 244 5.90 15.15 -6.35
N TYR A 245 5.40 14.58 -5.26
CA TYR A 245 4.14 15.06 -4.69
C TYR A 245 4.29 16.48 -4.14
N ARG A 246 5.37 16.71 -3.41
CA ARG A 246 5.62 18.05 -2.86
C ARG A 246 5.67 19.03 -4.02
N SER A 247 6.34 18.61 -5.10
CA SER A 247 6.46 19.42 -6.30
C SER A 247 5.10 19.73 -6.91
N LEU A 248 4.33 18.68 -7.17
CA LEU A 248 3.01 18.85 -7.76
C LEU A 248 2.04 19.64 -6.88
N SER A 249 1.96 19.29 -5.60
CA SER A 249 1.03 19.97 -4.69
C SER A 249 1.44 21.38 -4.29
N PHE A 250 2.65 21.78 -4.62
CA PHE A 250 3.10 23.13 -4.28
C PHE A 250 2.32 24.13 -5.13
N GLN A 251 1.89 23.67 -6.31
CA GLN A 251 1.10 24.49 -7.22
C GLN A 251 -0.35 24.46 -6.76
N PRO A 252 -0.86 25.59 -6.24
CA PRO A 252 -2.24 25.71 -5.75
C PRO A 252 -3.29 25.15 -6.71
N GLU A 253 -3.05 25.31 -8.01
CA GLU A 253 -3.99 24.82 -9.01
C GLU A 253 -4.09 23.30 -9.03
N ASN A 254 -3.01 22.64 -8.61
CA ASN A 254 -2.97 21.17 -8.57
C ASN A 254 -3.51 20.71 -7.22
N SER A 255 -3.06 21.39 -6.17
CA SER A 255 -3.48 21.09 -4.81
C SER A 255 -5.01 21.15 -4.76
N MET A 256 -5.54 22.11 -5.51
CA MET A 256 -6.97 22.34 -5.59
C MET A 256 -7.74 21.12 -6.15
N LYS A 257 -7.09 20.32 -6.99
CA LYS A 257 -7.74 19.13 -7.58
C LYS A 257 -7.62 17.87 -6.74
N LEU A 258 -6.98 17.97 -5.58
CA LEU A 258 -6.80 16.82 -4.70
C LEU A 258 -7.98 16.73 -3.73
N THR A 259 -7.91 15.80 -2.79
CA THR A 259 -8.99 15.67 -1.82
C THR A 259 -8.53 16.08 -0.42
N PRO A 260 -9.48 16.25 0.50
CA PRO A 260 -9.08 16.63 1.85
C PRO A 260 -8.26 15.53 2.50
N LEU A 261 -8.66 14.28 2.29
CA LEU A 261 -7.93 13.15 2.89
C LEU A 261 -6.51 13.05 2.35
N VAL A 262 -6.35 13.20 1.03
CA VAL A 262 -5.04 13.13 0.42
C VAL A 262 -4.13 14.25 0.97
N LEU A 263 -4.69 15.46 1.14
CA LEU A 263 -3.92 16.58 1.66
C LEU A 263 -3.49 16.36 3.10
N GLU A 264 -4.40 15.82 3.90
CA GLU A 264 -4.10 15.55 5.29
C GLU A 264 -3.03 14.47 5.43
N VAL A 265 -3.17 13.39 4.69
CA VAL A 265 -2.20 12.30 4.78
C VAL A 265 -0.88 12.47 4.06
N PHE A 266 -0.91 12.90 2.80
CA PHE A 266 0.32 13.07 2.02
C PHE A 266 1.00 14.40 2.30
N GLY A 267 0.25 15.41 2.73
CA GLY A 267 0.86 16.69 3.02
C GLY A 267 0.18 17.89 2.39
N ASN A 268 0.37 19.04 3.04
CA ASN A 268 -0.21 20.30 2.60
C ASN A 268 0.64 21.47 3.07
N ASN B 2 -2.70 18.59 13.06
CA ASN B 2 -3.70 17.56 13.50
C ASN B 2 -4.27 16.80 12.30
N HIS B 3 -4.73 15.58 12.55
CA HIS B 3 -5.27 14.74 11.47
C HIS B 3 -6.67 14.24 11.80
N PRO B 4 -7.65 15.15 11.77
CA PRO B 4 -9.08 14.91 12.05
C PRO B 4 -9.69 13.75 11.29
N MET B 5 -9.50 13.76 9.97
CA MET B 5 -10.06 12.73 9.11
C MET B 5 -9.41 11.37 9.34
N LEU B 6 -8.08 11.36 9.44
CA LEU B 6 -7.37 10.11 9.68
C LEU B 6 -7.78 9.61 11.07
N MET B 7 -7.79 10.53 12.03
CA MET B 7 -8.17 10.20 13.39
C MET B 7 -9.56 9.57 13.39
N ASN B 8 -10.50 10.22 12.71
CA ASN B 8 -11.87 9.73 12.63
C ASN B 8 -11.97 8.34 12.00
N LEU B 9 -11.13 8.08 11.00
CA LEU B 9 -11.12 6.79 10.33
C LEU B 9 -10.43 5.73 11.20
N LEU B 10 -9.60 6.17 12.14
CA LEU B 10 -8.89 5.24 13.01
C LEU B 10 -9.73 4.72 14.16
N LYS B 11 -10.52 5.60 14.79
CA LYS B 11 -11.37 5.16 15.88
C LYS B 11 -12.49 4.33 15.29
B1 10R C . -2.39 4.47 -10.05
C1 10R C . -0.77 5.63 -7.98
O1 10R C . 0.80 11.91 -6.35
B2 10R C . -2.95 3.95 -8.49
C2 10R C . -0.31 6.89 -7.22
O2 10R C . -4.04 0.64 -8.63
B3 10R C . -1.76 2.94 -7.71
C3 10R C . -0.95 8.18 -7.77
O3 10R C . -5.90 -2.03 -7.53
B4 10R C . -0.36 2.88 -8.78
C4 10R C . -0.23 9.39 -7.15
O4 10R C . -5.70 0.65 -3.96
B5 10R C . -0.75 3.83 -10.24
C5 10R C . -0.87 10.70 -7.64
B6 10R C . -2.43 5.58 -8.67
C6 10R C . -1.39 11.81 -5.39
B7 10R C . -2.03 4.63 -7.20
C7 10R C . -0.88 13.18 -7.51
B8 10R C . -0.38 3.99 -7.38
C8 10R C . -0.37 14.44 -6.80
B9 10R C . 0.25 4.54 -8.97
C9 10R C . -0.58 11.89 -6.71
B10 10R C . -1.01 5.52 -9.76
C10 10R C . -2.91 11.73 -5.62
C21 10R C . -1.96 2.90 -9.43
C22 10R C . -2.62 1.71 -10.13
C23 10R C . -4.05 1.57 -9.67
C24 10R C . -5.31 0.07 -8.55
C25 10R C . -5.33 -0.76 -7.29
C26 10R C . -6.13 -0.06 -6.22
C27 10R C . -5.17 0.64 -5.27
#